data_5N3O
#
_entry.id   5N3O
#
_cell.length_a   51.478
_cell.length_b   72.285
_cell.length_c   97.349
_cell.angle_alpha   90.00
_cell.angle_beta   90.00
_cell.angle_gamma   90.00
#
_symmetry.space_group_name_H-M   'P 21 21 21'
#
loop_
_entity.id
_entity.type
_entity.pdbx_description
1 polymer 'cAMP-dependent protein kinase catalytic subunit alpha'
2 non-polymer (4S)-2-METHYL-2,4-PENTANEDIOL
3 non-polymer 3-(1,3-oxazol-5-yl)aniline
4 non-polymer 'DIMETHYL SULFOXIDE'
5 water water
#
_entity_poly.entity_id   1
_entity_poly.type   'polypeptide(L)'
_entity_poly.pdbx_seq_one_letter_code
;GHMGNAAAAKKG(SEP)EQESVKEFLAKAKEEFLKKWESPSQNTAQLDHFDRIKTLGTGSFGRVMLVKHKETGNHYAMKI
LDKQKVVKLKQIEHTLNEKRILQAVNFPFLVKLEFSFKDNSNLYMVMEYVPGGEMFSHLRRIGRF(SEP)EPHARFYAAQ
IVLTFEYLHSLDLIYRDLKPENLLIDQQGYIQVTDFGFAKRVKGRTW(TPO)LCGTPEYLAPEIILSKGYNKAVDWWALG
VLIYEMAAGYPPFFADQPIQIYEKIVSGKVRFPSHFSSDLKDLLRNLLQVDLTKRFGNLKNGVNDIKNHKWFATTDWIAI
YQRKVEAPFIPKFKGPGDTSNFDDYEEEEIRV(SEP)INEKCGKEFTEF
;
_entity_poly.pdbx_strand_id   A
#
loop_
_chem_comp.id
_chem_comp.type
_chem_comp.name
_chem_comp.formula
5AO non-polymer 3-(1,3-oxazol-5-yl)aniline 'C9 H8 N2 O'
DMS non-polymer 'DIMETHYL SULFOXIDE' 'C2 H6 O S'
MPD non-polymer (4S)-2-METHYL-2,4-PENTANEDIOL 'C6 H14 O2'
#
# COMPACT_ATOMS: atom_id res chain seq x y z
N GLU A 16 25.67 11.27 -2.73
CA GLU A 16 25.68 11.09 -4.17
C GLU A 16 25.13 9.72 -4.49
N SER A 17 25.38 8.77 -3.59
CA SER A 17 24.86 7.43 -3.77
C SER A 17 23.35 7.45 -3.94
N VAL A 18 22.65 8.17 -3.06
CA VAL A 18 21.19 8.19 -3.13
C VAL A 18 20.75 8.95 -4.37
N LYS A 19 21.41 10.07 -4.69
CA LYS A 19 21.05 10.81 -5.88
C LYS A 19 21.14 9.92 -7.12
N GLU A 20 22.22 9.17 -7.26
CA GLU A 20 22.35 8.39 -8.49
C GLU A 20 21.36 7.23 -8.50
N PHE A 21 21.07 6.64 -7.34
CA PHE A 21 20.05 5.60 -7.29
C PHE A 21 18.71 6.14 -7.77
N LEU A 22 18.31 7.29 -7.23
CA LEU A 22 17.01 7.84 -7.58
C LEU A 22 16.96 8.30 -9.02
N ALA A 23 18.08 8.79 -9.57
CA ALA A 23 18.09 9.19 -10.97
C ALA A 23 17.84 7.98 -11.88
N LYS A 24 18.50 6.86 -11.58
CA LYS A 24 18.28 5.65 -12.37
C LYS A 24 16.85 5.15 -12.18
N ALA A 25 16.33 5.22 -10.94
CA ALA A 25 14.97 4.78 -10.69
C ALA A 25 13.97 5.56 -11.54
N LYS A 26 14.17 6.86 -11.67
CA LYS A 26 13.22 7.66 -12.43
C LYS A 26 13.35 7.38 -13.92
N GLU A 27 14.58 7.22 -14.41
CA GLU A 27 14.81 6.84 -15.80
C GLU A 27 14.02 5.59 -16.17
N GLU A 28 14.14 4.55 -15.33
CA GLU A 28 13.51 3.27 -15.64
C GLU A 28 12.00 3.35 -15.51
N PHE A 29 11.51 4.06 -14.50
CA PHE A 29 10.08 4.29 -14.34
C PHE A 29 9.51 5.01 -15.55
N LEU A 30 10.15 6.11 -15.97
CA LEU A 30 9.56 6.90 -17.05
C LEU A 30 9.49 6.12 -18.34
N LYS A 31 10.46 5.27 -18.63
CA LYS A 31 10.41 4.51 -19.88
C LYS A 31 9.18 3.61 -19.90
N LYS A 32 8.89 2.94 -18.78
CA LYS A 32 7.70 2.09 -18.69
C LYS A 32 6.43 2.94 -18.60
N TRP A 33 6.47 4.06 -17.88
CA TRP A 33 5.32 4.95 -17.77
C TRP A 33 4.87 5.42 -19.13
N GLU A 34 5.83 5.76 -20.01
CA GLU A 34 5.52 6.33 -21.30
C GLU A 34 5.09 5.30 -22.33
N SER A 35 5.44 4.03 -22.13
CA SER A 35 5.05 2.95 -23.03
C SER A 35 4.57 1.75 -22.22
N PRO A 36 3.36 1.82 -21.65
CA PRO A 36 2.93 0.77 -20.72
C PRO A 36 2.70 -0.57 -21.41
N SER A 37 3.00 -1.64 -20.71
CA SER A 37 2.65 -2.97 -21.19
C SER A 37 1.14 -3.15 -21.12
N GLN A 38 0.63 -3.99 -22.02
CA GLN A 38 -0.79 -4.27 -22.09
C GLN A 38 -0.99 -5.71 -22.55
N ASN A 39 -2.05 -6.35 -22.07
CA ASN A 39 -2.54 -7.61 -22.63
C ASN A 39 -1.45 -8.70 -22.64
N THR A 40 -0.92 -9.00 -21.47
CA THR A 40 0.22 -9.90 -21.38
C THR A 40 -0.14 -11.30 -20.90
N ALA A 41 -1.42 -11.58 -20.67
CA ALA A 41 -1.91 -12.93 -20.39
C ALA A 41 -3.39 -12.96 -20.72
N GLN A 42 -4.05 -14.08 -20.42
CA GLN A 42 -5.50 -14.16 -20.56
C GLN A 42 -6.04 -15.09 -19.47
N LEU A 43 -7.35 -15.00 -19.23
CA LEU A 43 -7.93 -15.66 -18.05
C LEU A 43 -7.75 -17.18 -18.09
N ASP A 44 -7.94 -17.78 -19.26
CA ASP A 44 -7.91 -19.24 -19.34
C ASP A 44 -6.50 -19.82 -19.31
N HIS A 45 -5.50 -19.00 -19.07
CA HIS A 45 -4.19 -19.52 -18.72
C HIS A 45 -4.08 -19.90 -17.26
N PHE A 46 -5.11 -19.65 -16.46
CA PHE A 46 -5.07 -19.82 -15.01
C PHE A 46 -6.22 -20.69 -14.54
N ASP A 47 -5.97 -21.45 -13.47
CA ASP A 47 -6.99 -22.09 -12.65
C ASP A 47 -7.30 -21.22 -11.44
N ARG A 48 -8.56 -21.15 -11.09
CA ARG A 48 -9.03 -20.44 -9.91
C ARG A 48 -8.89 -21.34 -8.68
N ILE A 49 -8.30 -20.82 -7.60
CA ILE A 49 -8.09 -21.60 -6.38
C ILE A 49 -9.00 -21.13 -5.24
N LYS A 50 -8.94 -19.85 -4.88
CA LYS A 50 -9.64 -19.38 -3.68
C LYS A 50 -9.74 -17.86 -3.72
N THR A 51 -10.81 -17.33 -3.11
CA THR A 51 -10.94 -15.89 -2.95
C THR A 51 -10.15 -15.45 -1.72
N LEU A 52 -9.25 -14.48 -1.91
CA LEU A 52 -8.40 -13.94 -0.86
C LEU A 52 -8.92 -12.63 -0.28
N GLY A 53 -9.75 -11.91 -1.00
CA GLY A 53 -10.27 -10.63 -0.52
C GLY A 53 -11.36 -10.16 -1.46
N THR A 54 -12.23 -9.29 -0.95
N THR A 54 -12.22 -9.30 -0.93
CA THR A 54 -13.35 -8.85 -1.78
CA THR A 54 -13.35 -8.79 -1.70
C THR A 54 -13.85 -7.48 -1.31
C THR A 54 -13.52 -7.31 -1.43
N GLY A 55 -14.34 -6.69 -2.28
CA GLY A 55 -14.75 -5.32 -2.05
C GLY A 55 -15.91 -4.95 -2.95
N SER A 56 -16.21 -3.64 -3.03
CA SER A 56 -17.41 -3.20 -3.73
C SER A 56 -17.30 -3.23 -5.25
N PHE A 57 -16.08 -3.20 -5.82
CA PHE A 57 -15.96 -3.30 -7.27
C PHE A 57 -14.94 -4.34 -7.76
N GLY A 58 -14.35 -5.11 -6.85
CA GLY A 58 -13.43 -6.15 -7.29
C GLY A 58 -13.18 -7.18 -6.20
N ARG A 59 -12.28 -8.10 -6.54
CA ARG A 59 -11.85 -9.17 -5.64
C ARG A 59 -10.41 -9.49 -5.95
N VAL A 60 -9.77 -10.19 -5.03
CA VAL A 60 -8.45 -10.77 -5.27
C VAL A 60 -8.57 -12.28 -5.09
N MET A 61 -8.06 -13.01 -6.07
N MET A 61 -8.11 -13.03 -6.09
CA MET A 61 -8.14 -14.45 -6.14
CA MET A 61 -8.23 -14.49 -6.08
C MET A 61 -6.74 -15.03 -6.09
C MET A 61 -6.85 -15.14 -6.23
N LEU A 62 -6.60 -16.17 -5.43
CA LEU A 62 -5.45 -17.04 -5.69
C LEU A 62 -5.73 -17.83 -6.95
N VAL A 63 -4.78 -17.80 -7.87
CA VAL A 63 -4.84 -18.55 -9.12
C VAL A 63 -3.52 -19.29 -9.29
N LYS A 64 -3.54 -20.29 -10.16
CA LYS A 64 -2.35 -21.06 -10.53
C LYS A 64 -2.24 -21.07 -12.04
N HIS A 65 -1.09 -20.70 -12.56
CA HIS A 65 -0.84 -20.76 -13.99
C HIS A 65 -0.76 -22.22 -14.43
N LYS A 66 -1.54 -22.57 -15.47
CA LYS A 66 -1.74 -23.97 -15.84
C LYS A 66 -0.51 -24.59 -16.49
N GLU A 67 0.37 -23.79 -17.07
CA GLU A 67 1.56 -24.34 -17.70
C GLU A 67 2.78 -24.31 -16.79
N THR A 68 3.02 -23.22 -16.05
CA THR A 68 4.21 -23.14 -15.21
C THR A 68 3.97 -23.67 -13.83
N GLY A 69 2.72 -23.71 -13.38
CA GLY A 69 2.41 -24.10 -12.03
C GLY A 69 2.60 -23.01 -11.00
N ASN A 70 2.99 -21.81 -11.41
CA ASN A 70 3.19 -20.71 -10.47
C ASN A 70 1.87 -20.20 -9.92
N HIS A 71 1.88 -19.79 -8.66
CA HIS A 71 0.74 -19.16 -8.02
C HIS A 71 0.85 -17.65 -8.13
N TYR A 72 -0.30 -16.99 -8.25
CA TYR A 72 -0.39 -15.54 -8.32
C TYR A 72 -1.65 -15.09 -7.61
N ALA A 73 -1.65 -13.81 -7.21
CA ALA A 73 -2.82 -13.15 -6.69
C ALA A 73 -3.40 -12.29 -7.81
N MET A 74 -4.58 -12.63 -8.29
CA MET A 74 -5.21 -11.98 -9.43
C MET A 74 -6.28 -11.03 -8.90
N LYS A 75 -6.08 -9.74 -9.09
CA LYS A 75 -7.09 -8.73 -8.77
C LYS A 75 -7.99 -8.55 -9.98
N ILE A 76 -9.29 -8.74 -9.75
CA ILE A 76 -10.31 -8.71 -10.79
C ILE A 76 -11.25 -7.55 -10.47
N LEU A 77 -11.36 -6.60 -11.39
CA LEU A 77 -12.21 -5.43 -11.21
C LEU A 77 -13.32 -5.48 -12.24
N ASP A 78 -14.56 -5.31 -11.76
CA ASP A 78 -15.73 -5.28 -12.63
C ASP A 78 -15.88 -3.89 -13.26
N LYS A 79 -15.73 -3.80 -14.59
CA LYS A 79 -15.69 -2.49 -15.25
C LYS A 79 -16.95 -1.67 -14.97
N GLN A 80 -18.13 -2.32 -14.99
CA GLN A 80 -19.37 -1.58 -14.78
C GLN A 80 -19.44 -1.01 -13.35
N LYS A 81 -18.97 -1.78 -12.36
CA LYS A 81 -18.98 -1.30 -10.99
C LYS A 81 -17.93 -0.21 -10.78
N VAL A 82 -16.79 -0.32 -11.47
CA VAL A 82 -15.78 0.73 -11.42
C VAL A 82 -16.37 2.05 -11.90
N VAL A 83 -17.11 2.01 -13.00
CA VAL A 83 -17.74 3.21 -13.56
C VAL A 83 -18.74 3.78 -12.58
N LYS A 84 -19.62 2.92 -12.06
CA LYS A 84 -20.67 3.37 -11.15
C LYS A 84 -20.08 4.04 -9.91
N LEU A 85 -18.99 3.50 -9.38
CA LEU A 85 -18.38 4.02 -8.16
C LEU A 85 -17.29 5.06 -8.43
N LYS A 86 -17.21 5.57 -9.66
CA LYS A 86 -16.34 6.69 -10.00
C LYS A 86 -14.87 6.36 -9.79
N GLN A 87 -14.48 5.15 -10.16
CA GLN A 87 -13.12 4.70 -9.99
C GLN A 87 -12.38 4.50 -11.32
N ILE A 88 -12.90 5.01 -12.45
CA ILE A 88 -12.24 4.74 -13.74
C ILE A 88 -10.79 5.19 -13.72
N GLU A 89 -10.57 6.47 -13.47
CA GLU A 89 -9.22 7.03 -13.48
C GLU A 89 -8.35 6.34 -12.45
N HIS A 90 -8.91 6.03 -11.28
CA HIS A 90 -8.14 5.35 -10.25
C HIS A 90 -7.66 3.97 -10.71
N THR A 91 -8.51 3.20 -11.41
CA THR A 91 -8.07 1.89 -11.88
C THR A 91 -7.01 2.01 -12.95
N LEU A 92 -7.14 3.00 -13.84
CA LEU A 92 -6.10 3.24 -14.83
C LEU A 92 -4.80 3.66 -14.19
N ASN A 93 -4.86 4.50 -13.14
CA ASN A 93 -3.68 4.87 -12.35
C ASN A 93 -3.01 3.61 -11.80
N GLU A 94 -3.79 2.77 -11.13
CA GLU A 94 -3.23 1.61 -10.44
C GLU A 94 -2.39 0.76 -11.39
N LYS A 95 -2.96 0.43 -12.55
CA LYS A 95 -2.26 -0.45 -13.46
C LYS A 95 -1.08 0.25 -14.13
N ARG A 96 -1.24 1.52 -14.56
CA ARG A 96 -0.13 2.18 -15.23
C ARG A 96 1.04 2.37 -14.29
N ILE A 97 0.77 2.69 -13.03
CA ILE A 97 1.82 2.83 -12.03
C ILE A 97 2.47 1.48 -11.75
N LEU A 98 1.66 0.47 -11.45
CA LEU A 98 2.22 -0.82 -11.06
C LEU A 98 3.09 -1.44 -12.14
N GLN A 99 2.71 -1.29 -13.41
CA GLN A 99 3.55 -1.88 -14.45
C GLN A 99 4.84 -1.12 -14.64
N ALA A 100 4.97 0.09 -14.08
CA ALA A 100 6.15 0.92 -14.28
C ALA A 100 7.13 0.94 -13.10
N VAL A 101 6.71 0.55 -11.89
CA VAL A 101 7.55 0.68 -10.70
C VAL A 101 8.34 -0.60 -10.47
N ASN A 102 9.38 -0.49 -9.63
CA ASN A 102 10.28 -1.60 -9.31
C ASN A 102 10.99 -1.23 -8.01
N PHE A 103 10.62 -1.86 -6.90
CA PHE A 103 11.25 -1.58 -5.61
C PHE A 103 11.07 -2.80 -4.73
N PRO A 104 12.02 -3.08 -3.80
CA PRO A 104 11.96 -4.36 -3.09
C PRO A 104 10.71 -4.55 -2.24
N PHE A 105 10.07 -3.48 -1.79
CA PHE A 105 8.95 -3.57 -0.85
C PHE A 105 7.61 -3.28 -1.52
N LEU A 106 7.54 -3.43 -2.84
CA LEU A 106 6.28 -3.34 -3.60
C LEU A 106 5.96 -4.68 -4.22
N VAL A 107 4.71 -5.16 -4.04
CA VAL A 107 4.29 -6.38 -4.73
C VAL A 107 4.41 -6.14 -6.23
N LYS A 108 4.96 -7.13 -6.94
N LYS A 108 4.99 -7.12 -6.93
CA LYS A 108 5.24 -7.02 -8.37
CA LYS A 108 5.21 -7.02 -8.37
C LYS A 108 4.04 -7.42 -9.22
C LYS A 108 3.97 -7.38 -9.17
N LEU A 109 3.69 -6.57 -10.19
CA LEU A 109 2.71 -6.90 -11.21
C LEU A 109 3.38 -7.78 -12.26
N GLU A 110 2.85 -8.98 -12.47
CA GLU A 110 3.41 -9.93 -13.41
C GLU A 110 2.72 -9.93 -14.77
N PHE A 111 1.39 -9.77 -14.79
CA PHE A 111 0.63 -9.70 -16.04
C PHE A 111 -0.56 -8.78 -15.82
N SER A 112 -1.09 -8.26 -16.93
CA SER A 112 -2.37 -7.57 -16.90
C SER A 112 -3.10 -7.81 -18.22
N PHE A 113 -4.42 -7.73 -18.16
CA PHE A 113 -5.27 -7.89 -19.35
C PHE A 113 -6.68 -7.49 -18.95
N LYS A 114 -7.56 -7.44 -19.94
CA LYS A 114 -8.96 -7.13 -19.73
C LYS A 114 -9.78 -8.02 -20.65
N ASP A 115 -11.07 -8.10 -20.37
CA ASP A 115 -12.00 -8.83 -21.24
C ASP A 115 -13.30 -8.05 -21.31
N ASN A 116 -14.37 -8.68 -21.78
CA ASN A 116 -15.60 -7.93 -21.99
C ASN A 116 -16.10 -7.30 -20.69
N SER A 117 -15.87 -7.94 -19.55
CA SER A 117 -16.44 -7.48 -18.29
C SER A 117 -15.45 -6.89 -17.31
N ASN A 118 -14.22 -7.39 -17.24
CA ASN A 118 -13.35 -7.13 -16.10
C ASN A 118 -11.98 -6.65 -16.53
N LEU A 119 -11.28 -6.05 -15.56
CA LEU A 119 -9.87 -5.74 -15.64
C LEU A 119 -9.14 -6.70 -14.72
N TYR A 120 -7.94 -7.13 -15.13
CA TYR A 120 -7.17 -8.11 -14.37
C TYR A 120 -5.74 -7.61 -14.17
N MET A 121 -5.29 -7.68 -12.91
CA MET A 121 -3.89 -7.45 -12.55
C MET A 121 -3.42 -8.68 -11.82
N VAL A 122 -2.43 -9.36 -12.38
CA VAL A 122 -1.94 -10.62 -11.83
C VAL A 122 -0.63 -10.30 -11.14
N MET A 123 -0.65 -10.42 -9.81
N MET A 123 -0.62 -10.47 -9.83
CA MET A 123 0.45 -10.02 -8.93
CA MET A 123 0.51 -10.08 -9.01
C MET A 123 1.14 -11.27 -8.36
C MET A 123 1.20 -11.32 -8.45
N GLU A 124 2.40 -11.10 -7.96
CA GLU A 124 3.06 -12.14 -7.18
C GLU A 124 2.19 -12.48 -5.96
N TYR A 125 2.12 -13.76 -5.61
CA TYR A 125 1.37 -14.21 -4.44
C TYR A 125 2.29 -14.24 -3.22
N VAL A 126 1.85 -13.56 -2.16
CA VAL A 126 2.62 -13.43 -0.92
C VAL A 126 1.86 -14.20 0.17
N PRO A 127 2.26 -15.44 0.49
CA PRO A 127 1.43 -16.26 1.38
C PRO A 127 1.43 -15.86 2.84
N GLY A 128 2.29 -14.94 3.27
CA GLY A 128 2.34 -14.61 4.69
C GLY A 128 1.17 -13.81 5.20
N GLY A 129 0.34 -13.26 4.32
CA GLY A 129 -0.84 -12.52 4.74
C GLY A 129 -0.59 -11.04 5.02
N GLU A 130 -1.68 -10.36 5.38
CA GLU A 130 -1.66 -8.94 5.67
C GLU A 130 -1.13 -8.66 7.08
N MET A 131 -0.42 -7.55 7.22
CA MET A 131 -0.01 -7.09 8.54
C MET A 131 -1.20 -6.93 9.47
N PHE A 132 -2.36 -6.53 8.91
CA PHE A 132 -3.57 -6.36 9.71
C PHE A 132 -3.82 -7.55 10.60
N SER A 133 -3.80 -8.75 10.03
N SER A 133 -3.78 -8.77 10.04
CA SER A 133 -4.11 -9.96 10.79
CA SER A 133 -4.12 -9.96 10.80
C SER A 133 -3.05 -10.20 11.86
C SER A 133 -3.05 -10.27 11.84
N HIS A 134 -1.78 -10.10 11.49
CA HIS A 134 -0.71 -10.36 12.45
C HIS A 134 -0.72 -9.37 13.59
N LEU A 135 -1.00 -8.10 13.29
CA LEU A 135 -1.04 -7.07 14.32
C LEU A 135 -2.18 -7.34 15.31
N ARG A 136 -3.36 -7.63 14.78
CA ARG A 136 -4.48 -7.91 15.66
C ARG A 136 -4.24 -9.17 16.47
N ARG A 137 -3.63 -10.19 15.84
N ARG A 137 -3.64 -10.20 15.85
CA ARG A 137 -3.38 -11.45 16.54
CA ARG A 137 -3.42 -11.45 16.55
C ARG A 137 -2.37 -11.28 17.67
C ARG A 137 -2.48 -11.26 17.73
N ILE A 138 -1.30 -10.51 17.44
N ILE A 138 -1.33 -10.61 17.50
CA ILE A 138 -0.23 -10.33 18.43
CA ILE A 138 -0.35 -10.44 18.58
C ILE A 138 -0.59 -9.24 19.44
C ILE A 138 -0.83 -9.38 19.57
N GLY A 139 -1.49 -8.34 19.08
CA GLY A 139 -1.93 -7.26 19.93
C GLY A 139 -1.27 -5.95 19.54
N ARG A 140 0.04 -5.85 19.76
CA ARG A 140 0.82 -4.71 19.28
C ARG A 140 2.22 -5.21 19.01
N PHE A 141 2.94 -4.47 18.18
CA PHE A 141 4.34 -4.76 17.88
C PHE A 141 5.24 -3.96 18.81
N SEP A 142 6.32 -4.56 19.28
CA SEP A 142 7.34 -3.81 20.02
CB SEP A 142 8.46 -4.77 20.44
OG SEP A 142 9.20 -5.17 19.28
C SEP A 142 7.90 -2.70 19.16
O SEP A 142 7.76 -2.72 17.92
P SEP A 142 10.25 -6.38 19.44
O1P SEP A 142 9.33 -7.60 19.86
O2P SEP A 142 11.28 -6.06 20.57
O3P SEP A 142 10.89 -6.61 18.02
H SEP A 142 6.50 -5.39 19.18
HA SEP A 142 6.94 -3.42 20.83
HB2 SEP A 142 8.07 -5.55 20.86
HB3 SEP A 142 9.05 -4.31 21.07
N GLU A 143 8.57 -1.73 19.75
CA GLU A 143 9.12 -0.65 18.95
C GLU A 143 10.15 -1.12 17.92
N PRO A 144 11.05 -2.06 18.27
CA PRO A 144 11.96 -2.55 17.21
C PRO A 144 11.21 -3.17 16.03
N HIS A 145 10.15 -3.91 16.32
CA HIS A 145 9.35 -4.58 15.29
C HIS A 145 8.62 -3.57 14.41
N ALA A 146 7.96 -2.60 15.04
CA ALA A 146 7.33 -1.50 14.30
C ALA A 146 8.34 -0.72 13.48
N ARG A 147 9.54 -0.46 14.06
CA ARG A 147 10.58 0.31 13.39
C ARG A 147 11.09 -0.39 12.15
N PHE A 148 11.21 -1.71 12.19
CA PHE A 148 11.65 -2.48 11.04
C PHE A 148 10.70 -2.28 9.86
N TYR A 149 9.39 -2.38 10.12
CA TYR A 149 8.40 -2.15 9.07
C TYR A 149 8.38 -0.68 8.65
N ALA A 150 8.43 0.24 9.61
CA ALA A 150 8.37 1.66 9.31
C ALA A 150 9.52 2.05 8.39
N ALA A 151 10.72 1.52 8.64
CA ALA A 151 11.88 1.84 7.81
C ALA A 151 11.62 1.47 6.35
N GLN A 152 10.98 0.32 6.13
CA GLN A 152 10.67 -0.11 4.78
C GLN A 152 9.70 0.84 4.11
N ILE A 153 8.70 1.33 4.86
CA ILE A 153 7.76 2.31 4.32
C ILE A 153 8.47 3.63 4.01
N VAL A 154 9.36 4.09 4.90
CA VAL A 154 10.10 5.32 4.64
C VAL A 154 10.85 5.23 3.30
N LEU A 155 11.57 4.11 3.09
CA LEU A 155 12.30 3.94 1.84
C LEU A 155 11.37 3.85 0.65
N THR A 156 10.25 3.15 0.81
CA THR A 156 9.30 3.00 -0.29
C THR A 156 8.70 4.34 -0.69
N PHE A 157 8.34 5.16 0.30
CA PHE A 157 7.81 6.49 0.00
C PHE A 157 8.88 7.39 -0.60
N GLU A 158 10.12 7.30 -0.14
CA GLU A 158 11.18 8.07 -0.79
C GLU A 158 11.23 7.74 -2.26
N TYR A 159 11.20 6.45 -2.58
CA TYR A 159 11.16 5.99 -3.98
C TYR A 159 9.95 6.53 -4.72
N LEU A 160 8.74 6.26 -4.19
CA LEU A 160 7.54 6.66 -4.92
C LEU A 160 7.46 8.16 -5.10
N HIS A 161 7.73 8.92 -4.03
CA HIS A 161 7.61 10.38 -4.13
C HIS A 161 8.60 10.95 -5.13
N SER A 162 9.76 10.34 -5.28
CA SER A 162 10.75 10.82 -6.24
C SER A 162 10.26 10.67 -7.67
N LEU A 163 9.27 9.79 -7.90
CA LEU A 163 8.63 9.58 -9.18
C LEU A 163 7.37 10.43 -9.36
N ASP A 164 7.14 11.37 -8.44
CA ASP A 164 5.97 12.24 -8.43
C ASP A 164 4.69 11.46 -8.15
N LEU A 165 4.80 10.32 -7.47
CA LEU A 165 3.66 9.51 -7.08
C LEU A 165 3.27 9.79 -5.63
N ILE A 166 1.99 9.62 -5.34
N ILE A 166 1.99 9.68 -5.35
CA ILE A 166 1.47 9.59 -3.98
CA ILE A 166 1.52 9.52 -3.97
C ILE A 166 0.71 8.27 -3.84
C ILE A 166 0.87 8.16 -3.90
N TYR A 167 0.91 7.58 -2.70
CA TYR A 167 0.36 6.25 -2.50
C TYR A 167 -1.10 6.29 -2.02
N ARG A 168 -1.38 7.02 -0.94
CA ARG A 168 -2.72 7.39 -0.50
C ARG A 168 -3.56 6.23 0.06
N ASP A 169 -2.97 5.08 0.36
CA ASP A 169 -3.77 4.07 1.03
C ASP A 169 -2.96 3.29 2.05
N LEU A 170 -2.00 3.92 2.72
CA LEU A 170 -1.24 3.23 3.74
C LEU A 170 -2.14 2.82 4.90
N LYS A 171 -2.10 1.53 5.24
CA LYS A 171 -2.82 0.96 6.37
C LYS A 171 -2.39 -0.50 6.49
N PRO A 172 -2.60 -1.13 7.64
CA PRO A 172 -2.10 -2.52 7.79
C PRO A 172 -2.65 -3.53 6.79
N GLU A 173 -3.88 -3.37 6.32
CA GLU A 173 -4.44 -4.31 5.37
C GLU A 173 -3.68 -4.35 4.06
N ASN A 174 -2.99 -3.28 3.72
CA ASN A 174 -2.30 -3.17 2.45
C ASN A 174 -0.83 -3.53 2.51
N LEU A 175 -0.36 -4.07 3.64
CA LEU A 175 1.05 -4.40 3.80
C LEU A 175 1.14 -5.90 4.00
N LEU A 176 1.61 -6.61 2.98
CA LEU A 176 1.76 -8.06 3.09
C LEU A 176 3.12 -8.37 3.68
N ILE A 177 3.19 -9.49 4.40
N ILE A 177 3.22 -9.51 4.38
CA ILE A 177 4.44 -9.95 5.01
CA ILE A 177 4.46 -9.92 5.02
C ILE A 177 4.92 -11.14 4.19
C ILE A 177 4.99 -11.17 4.32
N ASP A 178 6.15 -11.04 3.66
CA ASP A 178 6.66 -12.07 2.77
C ASP A 178 7.42 -13.16 3.53
N GLN A 179 7.95 -14.11 2.77
CA GLN A 179 8.58 -15.30 3.34
C GLN A 179 9.85 -14.98 4.13
N GLN A 180 10.44 -13.81 3.91
CA GLN A 180 11.57 -13.36 4.70
C GLN A 180 11.16 -12.44 5.83
N GLY A 181 9.87 -12.18 6.01
CA GLY A 181 9.39 -11.26 7.02
C GLY A 181 9.39 -9.80 6.63
N TYR A 182 9.67 -9.49 5.37
CA TYR A 182 9.66 -8.12 4.90
C TYR A 182 8.30 -7.72 4.31
N ILE A 183 8.12 -6.41 4.19
N ILE A 183 8.06 -6.42 4.28
CA ILE A 183 6.90 -5.80 3.68
CA ILE A 183 6.80 -5.88 3.74
C ILE A 183 6.81 -5.92 2.16
C ILE A 183 6.84 -5.84 2.23
N GLN A 184 5.57 -6.08 1.69
N GLN A 184 5.70 -6.19 1.64
CA GLN A 184 5.22 -5.98 0.28
CA GLN A 184 5.38 -5.83 0.27
C GLN A 184 3.95 -5.15 0.20
C GLN A 184 4.04 -5.11 0.26
N VAL A 185 4.07 -3.89 -0.24
CA VAL A 185 2.88 -3.03 -0.32
C VAL A 185 2.02 -3.49 -1.48
N THR A 186 0.72 -3.63 -1.22
CA THR A 186 -0.26 -4.02 -2.21
C THR A 186 -1.38 -2.97 -2.25
N ASP A 187 -2.13 -3.00 -3.35
CA ASP A 187 -3.28 -2.15 -3.61
C ASP A 187 -2.87 -0.73 -3.91
N PHE A 188 -2.68 -0.46 -5.19
CA PHE A 188 -2.38 0.87 -5.69
C PHE A 188 -3.63 1.57 -6.23
N GLY A 189 -4.81 1.17 -5.76
CA GLY A 189 -6.05 1.71 -6.25
C GLY A 189 -6.24 3.20 -6.05
N PHE A 190 -5.57 3.80 -5.06
CA PHE A 190 -5.60 5.24 -4.84
C PHE A 190 -4.29 5.92 -5.21
N ALA A 191 -3.32 5.18 -5.73
CA ALA A 191 -2.03 5.78 -6.05
C ALA A 191 -2.17 6.65 -7.29
N LYS A 192 -1.41 7.74 -7.36
CA LYS A 192 -1.58 8.68 -8.45
C LYS A 192 -0.27 9.39 -8.73
N ARG A 193 0.03 9.59 -10.02
CA ARG A 193 1.11 10.49 -10.40
C ARG A 193 0.55 11.90 -10.42
N VAL A 194 1.04 12.74 -9.52
CA VAL A 194 0.39 14.02 -9.22
C VAL A 194 1.20 15.14 -9.84
N LYS A 195 0.52 15.92 -10.66
CA LYS A 195 1.11 17.10 -11.28
C LYS A 195 0.79 18.30 -10.40
N GLY A 196 1.72 18.62 -9.50
CA GLY A 196 1.54 19.73 -8.58
C GLY A 196 0.84 19.35 -7.29
N ARG A 197 -0.49 19.28 -7.34
N ARG A 197 -0.47 19.25 -7.33
CA ARG A 197 -1.33 18.99 -6.20
CA ARG A 197 -1.29 18.91 -6.19
C ARG A 197 -2.51 18.20 -6.74
C ARG A 197 -2.49 18.17 -6.73
N THR A 198 -3.24 17.53 -5.84
CA THR A 198 -4.43 16.81 -6.25
C THR A 198 -5.53 17.00 -5.21
N TRP A 199 -6.75 16.60 -5.57
CA TRP A 199 -7.92 16.95 -4.75
C TRP A 199 -8.88 15.82 -4.34
N TPO A 200 -8.72 14.60 -4.82
CA TPO A 200 -9.77 13.60 -4.61
CB TPO A 200 -9.48 12.34 -5.41
CG2 TPO A 200 -10.68 11.37 -5.33
OG1 TPO A 200 -9.31 12.68 -6.78
P TPO A 200 -7.86 12.37 -7.37
O1P TPO A 200 -7.87 13.03 -8.81
O2P TPO A 200 -7.64 10.90 -7.46
O3P TPO A 200 -6.82 13.11 -6.45
C TPO A 200 -9.90 13.25 -3.14
O TPO A 200 -8.91 12.95 -2.45
H TPO A 200 -8.04 14.31 -5.26
HA TPO A 200 -10.63 13.96 -4.91
HB TPO A 200 -8.58 11.85 -5.04
HG21 TPO A 200 -10.47 10.48 -5.91
HG22 TPO A 200 -11.56 11.87 -5.74
HG23 TPO A 200 -10.86 11.12 -4.29
N LEU A 201 -11.13 13.16 -2.66
CA LEU A 201 -11.42 12.60 -1.35
C LEU A 201 -11.40 11.08 -1.47
N CYS A 202 -10.31 10.49 -1.01
CA CYS A 202 -10.18 9.04 -1.03
C CYS A 202 -9.16 8.65 0.02
N GLY A 203 -9.13 7.36 0.32
CA GLY A 203 -8.29 6.87 1.37
C GLY A 203 -9.21 6.11 2.28
N THR A 204 -8.76 5.86 3.51
CA THR A 204 -9.52 5.22 4.57
C THR A 204 -9.61 6.20 5.74
N PRO A 205 -10.80 6.39 6.34
CA PRO A 205 -10.98 7.51 7.29
C PRO A 205 -9.92 7.68 8.37
N GLU A 206 -9.55 6.59 9.04
CA GLU A 206 -8.62 6.69 10.15
C GLU A 206 -7.24 7.19 9.74
N TYR A 207 -6.90 7.08 8.45
N TYR A 207 -6.90 7.08 8.45
CA TYR A 207 -5.57 7.40 7.96
CA TYR A 207 -5.57 7.39 7.95
C TYR A 207 -5.52 8.72 7.20
C TYR A 207 -5.53 8.68 7.14
N LEU A 208 -6.64 9.41 7.02
CA LEU A 208 -6.68 10.63 6.23
C LEU A 208 -6.00 11.79 6.94
N ALA A 209 -5.17 12.52 6.21
CA ALA A 209 -4.57 13.73 6.72
C ALA A 209 -5.60 14.85 6.80
N PRO A 210 -5.37 15.83 7.68
CA PRO A 210 -6.32 16.94 7.80
C PRO A 210 -6.62 17.62 6.48
N GLU A 211 -5.60 17.83 5.62
CA GLU A 211 -5.84 18.58 4.41
C GLU A 211 -6.73 17.82 3.44
N ILE A 212 -6.79 16.48 3.53
CA ILE A 212 -7.78 15.74 2.73
C ILE A 212 -9.19 16.00 3.27
N ILE A 213 -9.34 15.88 4.59
CA ILE A 213 -10.64 16.11 5.22
C ILE A 213 -11.17 17.50 4.92
N LEU A 214 -10.27 18.49 4.86
CA LEU A 214 -10.65 19.89 4.66
C LEU A 214 -10.70 20.29 3.18
N SER A 215 -10.66 19.32 2.27
CA SER A 215 -10.93 19.56 0.86
C SER A 215 -9.89 20.48 0.22
N LYS A 216 -8.65 20.38 0.67
CA LYS A 216 -7.58 21.18 0.11
C LYS A 216 -6.93 20.46 -1.06
N GLY A 217 -6.15 21.20 -1.83
CA GLY A 217 -5.24 20.59 -2.78
C GLY A 217 -4.01 20.12 -2.03
N TYR A 218 -3.67 18.85 -2.17
CA TYR A 218 -2.67 18.25 -1.30
C TYR A 218 -1.63 17.49 -2.12
N ASN A 219 -0.58 17.10 -1.40
N ASN A 219 -0.55 17.02 -1.50
CA ASN A 219 0.66 16.58 -1.96
CA ASN A 219 0.38 16.14 -2.23
C ASN A 219 1.09 15.37 -1.13
C ASN A 219 1.01 15.16 -1.26
N LYS A 220 2.32 14.90 -1.39
CA LYS A 220 2.89 13.74 -0.72
C LYS A 220 2.92 13.84 0.80
N ALA A 221 2.72 15.03 1.36
CA ALA A 221 2.69 15.14 2.81
C ALA A 221 1.60 14.26 3.41
N VAL A 222 0.56 13.93 2.64
CA VAL A 222 -0.50 13.06 3.17
C VAL A 222 0.02 11.66 3.45
N ASP A 223 1.00 11.20 2.66
CA ASP A 223 1.59 9.87 2.92
C ASP A 223 2.40 9.89 4.20
N TRP A 224 3.12 10.97 4.47
CA TRP A 224 3.91 11.05 5.71
C TRP A 224 2.99 11.12 6.95
N TRP A 225 1.86 11.83 6.85
CA TRP A 225 0.85 11.78 7.90
C TRP A 225 0.40 10.34 8.12
N ALA A 226 0.06 9.64 7.04
CA ALA A 226 -0.41 8.26 7.17
C ALA A 226 0.64 7.37 7.80
N LEU A 227 1.93 7.62 7.52
CA LEU A 227 2.96 6.85 8.19
C LEU A 227 2.92 7.06 9.69
N GLY A 228 2.67 8.29 10.14
CA GLY A 228 2.49 8.51 11.57
C GLY A 228 1.36 7.68 12.14
N VAL A 229 0.23 7.65 11.45
CA VAL A 229 -0.91 6.85 11.89
C VAL A 229 -0.50 5.39 11.97
N LEU A 230 0.17 4.87 10.94
CA LEU A 230 0.58 3.47 10.89
C LEU A 230 1.53 3.13 12.03
N ILE A 231 2.54 3.99 12.26
CA ILE A 231 3.48 3.70 13.33
C ILE A 231 2.78 3.68 14.68
N TYR A 232 1.91 4.67 14.92
CA TYR A 232 1.11 4.66 16.14
C TYR A 232 0.34 3.35 16.28
N GLU A 233 -0.37 2.97 15.21
CA GLU A 233 -1.20 1.77 15.27
C GLU A 233 -0.35 0.52 15.52
N MET A 234 0.78 0.41 14.83
CA MET A 234 1.65 -0.75 15.05
C MET A 234 2.11 -0.83 16.50
N ALA A 235 2.52 0.31 17.08
CA ALA A 235 3.11 0.30 18.40
C ALA A 235 2.07 0.26 19.53
N ALA A 236 0.87 0.77 19.29
CA ALA A 236 -0.20 0.75 20.30
C ALA A 236 -1.14 -0.43 20.17
N GLY A 237 -1.36 -0.89 18.93
CA GLY A 237 -2.33 -1.91 18.58
C GLY A 237 -3.62 -1.37 18.01
N TYR A 238 -3.81 -0.05 18.05
CA TYR A 238 -5.03 0.61 17.61
C TYR A 238 -4.64 1.97 17.07
N PRO A 239 -5.40 2.52 16.15
CA PRO A 239 -5.02 3.78 15.54
C PRO A 239 -5.29 4.95 16.47
N PRO A 240 -4.65 6.09 16.23
CA PRO A 240 -4.77 7.23 17.15
C PRO A 240 -6.12 7.89 17.12
N PHE A 241 -6.82 7.85 15.98
CA PHE A 241 -8.10 8.54 15.80
C PHE A 241 -9.14 7.50 15.36
N PHE A 242 -10.13 7.24 16.21
CA PHE A 242 -11.19 6.29 15.84
C PHE A 242 -12.47 6.71 16.54
N ALA A 243 -13.60 6.28 15.98
CA ALA A 243 -14.92 6.67 16.46
C ALA A 243 -15.97 5.90 15.68
N ASP A 244 -17.21 5.95 16.15
CA ASP A 244 -18.30 5.26 15.46
C ASP A 244 -18.59 5.87 14.10
N GLN A 245 -18.59 7.18 13.98
CA GLN A 245 -18.96 7.81 12.73
C GLN A 245 -17.77 8.53 12.12
N PRO A 246 -17.66 8.53 10.78
CA PRO A 246 -16.51 9.22 10.16
C PRO A 246 -16.34 10.66 10.60
N ILE A 247 -17.43 11.43 10.71
CA ILE A 247 -17.25 12.84 11.08
C ILE A 247 -16.60 12.96 12.45
N GLN A 248 -16.88 12.01 13.36
CA GLN A 248 -16.23 12.04 14.66
C GLN A 248 -14.74 11.74 14.55
N ILE A 249 -14.36 10.82 13.67
CA ILE A 249 -12.94 10.57 13.42
C ILE A 249 -12.30 11.85 12.87
N TYR A 250 -12.98 12.48 11.92
CA TYR A 250 -12.41 13.65 11.25
C TYR A 250 -12.22 14.81 12.22
N GLU A 251 -13.16 15.00 13.14
CA GLU A 251 -12.99 16.05 14.15
C GLU A 251 -11.74 15.81 14.99
N LYS A 252 -11.46 14.56 15.33
CA LYS A 252 -10.25 14.27 16.10
C LYS A 252 -8.99 14.52 15.27
N ILE A 253 -9.00 14.12 14.01
CA ILE A 253 -7.85 14.29 13.14
C ILE A 253 -7.47 15.77 13.05
N VAL A 254 -8.46 16.63 12.78
CA VAL A 254 -8.14 18.03 12.52
C VAL A 254 -7.83 18.81 13.80
N SER A 255 -8.09 18.23 14.97
CA SER A 255 -8.01 18.96 16.24
C SER A 255 -6.60 19.35 16.66
N GLY A 256 -5.57 18.67 16.18
CA GLY A 256 -4.22 18.91 16.65
C GLY A 256 -3.86 18.19 17.93
N LYS A 257 -4.74 17.34 18.46
CA LYS A 257 -4.56 16.64 19.73
C LYS A 257 -4.40 15.15 19.46
N VAL A 258 -3.42 14.54 20.13
CA VAL A 258 -3.21 13.09 20.09
C VAL A 258 -2.69 12.67 21.46
N ARG A 259 -3.19 11.56 21.97
CA ARG A 259 -2.75 10.98 23.23
C ARG A 259 -1.93 9.74 22.94
N PHE A 260 -0.85 9.57 23.67
CA PHE A 260 0.05 8.44 23.50
C PHE A 260 -0.02 7.51 24.70
N PRO A 261 0.03 6.20 24.48
CA PRO A 261 0.20 5.27 25.61
C PRO A 261 1.47 5.55 26.38
N SER A 262 1.41 5.37 27.70
N SER A 262 1.38 5.37 27.71
CA SER A 262 2.60 5.60 28.51
CA SER A 262 2.55 5.52 28.57
C SER A 262 3.75 4.65 28.17
C SER A 262 3.73 4.70 28.07
N HIS A 263 3.46 3.50 27.55
CA HIS A 263 4.56 2.62 27.17
C HIS A 263 5.34 3.11 25.97
N PHE A 264 4.84 4.08 25.20
CA PHE A 264 5.63 4.63 24.10
C PHE A 264 6.90 5.30 24.65
N SER A 265 8.01 5.10 23.97
CA SER A 265 9.24 5.82 24.27
C SER A 265 9.10 7.30 23.97
N SER A 266 9.94 8.11 24.63
CA SER A 266 9.98 9.53 24.33
C SER A 266 10.33 9.78 22.87
N ASP A 267 11.29 9.02 22.32
CA ASP A 267 11.66 9.20 20.93
C ASP A 267 10.49 8.90 20.01
N LEU A 268 9.73 7.86 20.30
CA LEU A 268 8.56 7.54 19.47
C LEU A 268 7.54 8.67 19.51
N LYS A 269 7.23 9.16 20.70
CA LYS A 269 6.28 10.27 20.81
C LYS A 269 6.75 11.48 20.01
N ASP A 270 8.04 11.81 20.10
CA ASP A 270 8.56 12.96 19.39
C ASP A 270 8.41 12.79 17.88
N LEU A 271 8.78 11.63 17.35
CA LEU A 271 8.62 11.39 15.93
C LEU A 271 7.15 11.53 15.52
N LEU A 272 6.26 10.92 16.30
CA LEU A 272 4.84 10.96 15.96
C LEU A 272 4.27 12.37 15.99
N ARG A 273 4.70 13.21 16.93
CA ARG A 273 4.20 14.59 16.92
C ARG A 273 4.59 15.32 15.63
N ASN A 274 5.72 14.96 15.03
CA ASN A 274 6.21 15.59 13.83
C ASN A 274 5.64 14.99 12.55
N LEU A 275 5.19 13.73 12.59
CA LEU A 275 4.48 13.13 11.45
C LEU A 275 2.99 13.48 11.49
N LEU A 276 2.40 13.41 12.68
CA LEU A 276 1.00 13.78 12.93
C LEU A 276 0.86 15.27 13.20
N GLN A 277 1.58 16.06 12.43
CA GLN A 277 1.54 17.51 12.48
C GLN A 277 0.42 18.01 11.57
N VAL A 278 -0.58 18.66 12.14
CA VAL A 278 -1.73 19.08 11.36
C VAL A 278 -1.36 20.11 10.30
N ASP A 279 -0.37 20.96 10.57
CA ASP A 279 0.08 21.96 9.60
C ASP A 279 1.03 21.27 8.63
N LEU A 280 0.56 21.04 7.40
CA LEU A 280 1.36 20.30 6.44
C LEU A 280 2.68 20.96 6.13
N THR A 281 2.79 22.28 6.32
CA THR A 281 4.03 22.99 6.02
C THR A 281 5.07 22.78 7.11
N LYS A 282 4.71 22.14 8.22
CA LYS A 282 5.60 21.83 9.32
C LYS A 282 5.82 20.34 9.53
N ARG A 283 5.24 19.50 8.67
CA ARG A 283 5.23 18.06 8.87
C ARG A 283 6.52 17.42 8.37
N PHE A 284 7.10 16.53 9.17
CA PHE A 284 8.25 15.76 8.73
C PHE A 284 7.94 15.01 7.44
N GLY A 285 8.92 15.01 6.54
CA GLY A 285 8.78 14.51 5.20
C GLY A 285 8.45 15.58 4.18
N ASN A 286 7.96 16.74 4.64
CA ASN A 286 7.53 17.84 3.76
C ASN A 286 8.32 19.11 4.03
N LEU A 287 9.45 19.03 4.72
CA LEU A 287 10.29 20.18 4.99
C LEU A 287 11.47 20.20 4.01
N LYS A 288 12.31 21.25 4.12
CA LYS A 288 13.42 21.39 3.18
C LYS A 288 14.33 20.17 3.16
N ASN A 289 14.54 19.52 4.30
N ASN A 289 14.54 19.53 4.31
CA ASN A 289 15.40 18.35 4.36
CA ASN A 289 15.40 18.35 4.43
C ASN A 289 14.67 17.06 3.99
C ASN A 289 14.68 17.07 3.99
N GLY A 290 13.41 17.14 3.63
CA GLY A 290 12.70 16.00 3.08
C GLY A 290 12.72 14.78 3.97
N VAL A 291 12.95 13.62 3.35
CA VAL A 291 12.91 12.37 4.07
C VAL A 291 13.98 12.29 5.14
N ASN A 292 15.05 13.08 5.01
CA ASN A 292 16.15 12.94 5.96
C ASN A 292 15.79 13.38 7.38
N ASP A 293 14.81 14.26 7.55
CA ASP A 293 14.33 14.57 8.90
C ASP A 293 13.79 13.33 9.58
N ILE A 294 13.19 12.42 8.82
CA ILE A 294 12.72 11.15 9.37
C ILE A 294 13.88 10.19 9.56
N LYS A 295 14.70 9.98 8.53
CA LYS A 295 15.76 8.98 8.64
C LYS A 295 16.74 9.29 9.75
N ASN A 296 16.94 10.58 10.04
CA ASN A 296 17.92 11.01 11.04
C ASN A 296 17.32 11.21 12.42
N HIS A 297 16.02 10.96 12.58
CA HIS A 297 15.39 11.10 13.88
C HIS A 297 15.92 10.05 14.84
N LYS A 298 15.99 10.42 16.13
CA LYS A 298 16.50 9.50 17.14
C LYS A 298 15.75 8.17 17.17
N TRP A 299 14.45 8.15 16.87
CA TRP A 299 13.75 6.86 16.92
C TRP A 299 14.34 5.86 15.95
N PHE A 300 14.95 6.35 14.85
CA PHE A 300 15.57 5.49 13.85
C PHE A 300 17.09 5.37 14.03
N ALA A 301 17.63 5.73 15.19
CA ALA A 301 19.09 5.73 15.34
C ALA A 301 19.70 4.35 15.12
N THR A 302 18.99 3.28 15.49
CA THR A 302 19.53 1.93 15.30
C THR A 302 19.32 1.38 13.91
N THR A 303 18.66 2.11 13.02
CA THR A 303 18.34 1.59 11.69
C THR A 303 19.51 1.76 10.74
N ASP A 304 19.90 0.66 10.11
CA ASP A 304 20.88 0.65 9.02
C ASP A 304 20.07 0.68 7.74
N TRP A 305 19.92 1.86 7.16
CA TRP A 305 19.02 2.05 6.02
C TRP A 305 19.45 1.22 4.81
N ILE A 306 20.74 1.13 4.55
CA ILE A 306 21.21 0.32 3.41
C ILE A 306 20.91 -1.15 3.66
N ALA A 307 21.15 -1.64 4.88
CA ALA A 307 20.92 -3.04 5.16
C ALA A 307 19.45 -3.40 5.04
N ILE A 308 18.55 -2.47 5.41
CA ILE A 308 17.12 -2.73 5.22
C ILE A 308 16.82 -2.85 3.73
N TYR A 309 17.30 -1.89 2.94
CA TYR A 309 17.06 -1.92 1.50
C TYR A 309 17.54 -3.22 0.88
N GLN A 310 18.71 -3.70 1.31
CA GLN A 310 19.33 -4.92 0.79
C GLN A 310 18.74 -6.19 1.42
N ARG A 311 17.76 -6.03 2.31
CA ARG A 311 17.12 -7.17 2.96
C ARG A 311 18.12 -8.03 3.71
N LYS A 312 19.08 -7.39 4.35
CA LYS A 312 20.12 -8.09 5.10
C LYS A 312 19.84 -8.15 6.60
N VAL A 313 18.82 -7.46 7.08
CA VAL A 313 18.45 -7.45 8.49
C VAL A 313 17.54 -8.65 8.76
N GLU A 314 17.81 -9.39 9.83
CA GLU A 314 16.91 -10.48 10.19
C GLU A 314 15.58 -9.91 10.67
N ALA A 315 14.49 -10.43 10.10
CA ALA A 315 13.19 -9.86 10.39
C ALA A 315 12.70 -10.26 11.79
N PRO A 316 11.81 -9.44 12.38
CA PRO A 316 11.27 -9.76 13.71
C PRO A 316 10.43 -11.01 13.70
N PHE A 317 9.87 -11.36 12.56
CA PHE A 317 8.78 -12.31 12.54
C PHE A 317 8.70 -12.92 11.14
N ILE A 318 8.68 -14.24 11.05
CA ILE A 318 8.50 -14.95 9.79
C ILE A 318 7.11 -15.58 9.81
N PRO A 319 6.22 -15.24 8.90
CA PRO A 319 4.88 -15.84 8.93
C PRO A 319 4.95 -17.35 8.78
N LYS A 320 4.02 -18.03 9.42
CA LYS A 320 3.93 -19.47 9.32
C LYS A 320 3.05 -19.83 8.12
N PHE A 321 3.58 -20.64 7.21
CA PHE A 321 2.80 -21.11 6.07
C PHE A 321 3.49 -22.36 5.53
N LYS A 322 2.73 -23.16 4.78
CA LYS A 322 3.21 -24.49 4.41
C LYS A 322 3.88 -24.56 3.06
N GLY A 323 3.69 -23.56 2.22
CA GLY A 323 4.26 -23.54 0.90
C GLY A 323 3.64 -22.43 0.07
N PRO A 324 4.11 -22.28 -1.17
CA PRO A 324 3.71 -21.11 -1.96
C PRO A 324 2.25 -21.08 -2.35
N GLY A 325 1.51 -22.19 -2.18
CA GLY A 325 0.08 -22.24 -2.40
C GLY A 325 -0.77 -22.17 -1.16
N ASP A 326 -0.18 -22.04 0.03
CA ASP A 326 -0.96 -22.06 1.25
C ASP A 326 -1.73 -20.75 1.40
N THR A 327 -3.03 -20.86 1.72
CA THR A 327 -3.91 -19.71 1.93
C THR A 327 -4.27 -19.49 3.39
N SER A 328 -3.62 -20.19 4.31
N SER A 328 -3.62 -20.19 4.32
CA SER A 328 -4.05 -20.18 5.71
CA SER A 328 -4.05 -20.18 5.71
C SER A 328 -3.98 -18.79 6.34
C SER A 328 -3.92 -18.82 6.39
N ASN A 329 -3.10 -17.91 5.86
CA ASN A 329 -2.99 -16.56 6.43
C ASN A 329 -4.02 -15.59 5.90
N PHE A 330 -4.90 -16.03 4.99
CA PHE A 330 -6.01 -15.22 4.48
C PHE A 330 -7.30 -15.85 4.94
N ASP A 331 -8.35 -15.06 5.06
N ASP A 331 -8.35 -15.02 4.92
CA ASP A 331 -9.56 -15.65 5.62
CA ASP A 331 -9.66 -15.33 5.49
C ASP A 331 -10.54 -16.03 4.52
C ASP A 331 -10.51 -16.11 4.47
N ASP A 332 -11.65 -16.62 4.94
CA ASP A 332 -12.59 -17.33 4.06
C ASP A 332 -13.71 -16.40 3.64
N TYR A 333 -13.98 -16.37 2.34
CA TYR A 333 -15.01 -15.55 1.72
C TYR A 333 -15.92 -16.46 0.89
N GLU A 334 -17.17 -16.03 0.75
CA GLU A 334 -18.07 -16.69 -0.18
C GLU A 334 -17.43 -16.75 -1.56
N GLU A 335 -17.44 -17.94 -2.18
CA GLU A 335 -16.84 -18.12 -3.50
C GLU A 335 -17.90 -17.83 -4.57
N GLU A 336 -17.70 -16.72 -5.30
CA GLU A 336 -18.62 -16.23 -6.33
C GLU A 336 -18.04 -16.40 -7.74
N GLU A 337 -18.91 -16.45 -8.76
CA GLU A 337 -18.49 -16.65 -10.16
C GLU A 337 -17.59 -15.52 -10.68
N ILE A 338 -16.69 -15.85 -11.62
CA ILE A 338 -15.98 -14.84 -12.43
C ILE A 338 -16.66 -14.88 -13.79
N ARG A 339 -17.64 -14.03 -13.98
CA ARG A 339 -18.43 -14.03 -15.20
C ARG A 339 -17.89 -13.02 -16.20
N VAL A 340 -17.88 -13.41 -17.46
CA VAL A 340 -17.44 -12.56 -18.56
C VAL A 340 -18.56 -12.44 -19.57
N SEP A 341 -19.07 -11.22 -19.75
CA SEP A 341 -20.21 -10.99 -20.61
CB SEP A 341 -20.66 -9.53 -20.52
OG SEP A 341 -21.65 -9.21 -21.50
C SEP A 341 -19.90 -11.37 -22.05
O SEP A 341 -18.73 -11.37 -22.47
P SEP A 341 -23.18 -9.60 -21.09
O1P SEP A 341 -24.18 -8.69 -21.92
O2P SEP A 341 -23.31 -11.13 -21.48
O3P SEP A 341 -23.40 -9.38 -19.52
H SEP A 341 -18.75 -10.50 -19.39
HA SEP A 341 -20.96 -11.56 -20.30
HB2 SEP A 341 -19.90 -8.95 -20.67
HB3 SEP A 341 -21.03 -9.36 -19.65
N ILE A 342 -20.94 -11.73 -22.82
CA ILE A 342 -20.77 -12.03 -24.22
C ILE A 342 -20.59 -10.74 -25.03
N ASN A 343 -20.88 -9.60 -24.38
CA ASN A 343 -20.77 -8.29 -24.99
C ASN A 343 -19.77 -7.42 -24.26
N GLU A 344 -18.99 -6.65 -25.01
CA GLU A 344 -18.01 -5.76 -24.41
C GLU A 344 -18.70 -4.64 -23.63
N LYS A 345 -18.22 -4.41 -22.41
CA LYS A 345 -18.72 -3.35 -21.55
C LYS A 345 -17.65 -2.30 -21.37
N CYS A 346 -18.04 -1.03 -21.50
CA CYS A 346 -17.19 0.09 -21.10
C CYS A 346 -15.85 0.08 -21.86
N GLY A 347 -15.88 -0.31 -23.13
CA GLY A 347 -14.64 -0.43 -23.87
C GLY A 347 -13.90 0.89 -23.96
N LYS A 348 -14.62 1.97 -24.26
CA LYS A 348 -13.97 3.24 -24.48
C LYS A 348 -13.27 3.72 -23.21
N GLU A 349 -13.95 3.60 -22.07
CA GLU A 349 -13.43 4.08 -20.80
C GLU A 349 -12.10 3.43 -20.45
N PHE A 350 -11.93 2.17 -20.81
CA PHE A 350 -10.76 1.39 -20.41
C PHE A 350 -9.81 1.09 -21.57
N THR A 351 -9.89 1.87 -22.66
CA THR A 351 -9.02 1.69 -23.83
C THR A 351 -7.55 1.51 -23.44
N GLU A 352 -7.04 2.33 -22.52
CA GLU A 352 -5.61 2.32 -22.26
C GLU A 352 -5.16 1.16 -21.39
N PHE A 353 -6.09 0.47 -20.76
CA PHE A 353 -5.69 -0.59 -19.84
C PHE A 353 -5.10 -1.78 -20.59
C1 MPD B . -2.68 9.18 -16.03
C2 MPD B . -3.37 7.84 -16.37
O2 MPD B . -2.90 7.32 -17.65
CM MPD B . -3.02 6.76 -15.37
C3 MPD B . -4.89 7.96 -16.38
C4 MPD B . -5.49 8.87 -17.46
O4 MPD B . -4.96 8.57 -18.74
C5 MPD B . -7.01 8.70 -17.50
H11 MPD B . -3.45 9.93 -15.86
H12 MPD B . -2.04 9.47 -16.85
H13 MPD B . -2.09 9.05 -15.13
HO2 MPD B . -3.66 7.16 -18.24
HM1 MPD B . -3.94 6.37 -14.93
HM2 MPD B . -2.48 5.96 -15.88
HM3 MPD B . -2.40 7.18 -14.59
H31 MPD B . -5.31 6.97 -16.49
H32 MPD B . -5.21 8.34 -15.41
H4 MPD B . -5.27 9.90 -17.21
HO4 MPD B . -5.24 9.25 -19.39
H51 MPD B . -7.31 8.40 -18.50
H52 MPD B . -7.32 7.94 -16.78
H53 MPD B . -7.49 9.65 -17.25
C1 MPD C . 18.85 2.60 0.19
C2 MPD C . 18.65 3.59 -0.97
O2 MPD C . 19.06 4.86 -0.40
CM MPD C . 19.64 3.30 -2.12
C3 MPD C . 17.20 3.57 -1.50
C4 MPD C . 16.39 4.80 -1.13
O4 MPD C . 17.02 5.93 -1.69
C5 MPD C . 14.96 4.72 -1.62
H11 MPD C . 17.91 2.09 0.39
H12 MPD C . 19.61 1.86 -0.09
H13 MPD C . 19.17 3.14 1.07
HO2 MPD C . 18.32 5.50 -0.45
HM1 MPD C . 19.09 3.16 -3.05
HM2 MPD C . 20.32 4.16 -2.23
HM3 MPD C . 20.22 2.41 -1.90
H31 MPD C . 17.22 3.48 -2.58
H32 MPD C . 16.69 2.69 -1.11
H4 MPD C . 16.38 4.89 -0.04
HO4 MPD C . 16.52 6.74 -1.44
H51 MPD C . 14.76 5.56 -2.30
H52 MPD C . 14.27 4.78 -0.77
H53 MPD C . 14.80 3.78 -2.16
NAA 5AO D . -3.48 14.18 -13.35
CAB 5AO D . -4.24 17.10 -15.46
CAC 5AO D . -4.39 16.08 -14.53
CAD 5AO D . -3.03 17.29 -16.09
CAE 5AO D . 0.77 17.70 -17.68
CAF 5AO D . 0.52 16.01 -16.48
CAG 5AO D . -2.12 15.40 -14.91
NAH 5AO D . 1.43 16.68 -17.27
OAI 5AO D . -0.50 17.78 -17.23
CAJ 5AO D . -3.33 15.21 -14.25
CAK 5AO D . -1.95 16.44 -15.82
CAL 5AO D . -0.65 16.67 -16.44
HNAA 5AO D . -4.37 14.02 -12.88
HNAB 5AO D . -2.71 13.55 -13.14
HAB 5AO D . -5.08 17.76 -15.68
HAC 5AO D . -5.35 15.96 -14.04
HAD 5AO D . -2.92 18.11 -16.80
HAE 5AO D . 1.09 18.52 -18.34
HAF 5AO D . 0.80 15.08 -15.99
HAG 5AO D . -1.28 14.73 -14.71
NAA 5AO E . -4.89 -6.49 -1.86
CAB 5AO E . -5.66 -9.87 -0.66
CAC 5AO E . -5.79 -8.53 -0.94
CAD 5AO E . -4.54 -10.56 -1.07
CAE 5AO E . -0.43 -10.81 -3.20
CAF 5AO E . -1.71 -11.75 -1.83
CAG 5AO E . -3.69 -8.57 -2.10
NAH 5AO E . -0.50 -11.88 -2.48
OAI 5AO E . -1.49 -9.98 -3.07
CAJ 5AO E . -4.80 -7.85 -1.65
CAK 5AO E . -3.55 -9.92 -1.81
CAL 5AO E . -2.32 -10.62 -2.18
HNAA 5AO E . -5.67 -5.95 -1.50
HNAB 5AO E . -4.16 -5.99 -2.36
HAB 5AO E . -6.45 -10.39 -0.11
HAC 5AO E . -6.69 -8.00 -0.61
HAD 5AO E . -4.44 -11.62 -0.81
HAE 5AO E . 0.34 -10.48 -3.89
HAF 5AO E . -2.05 -12.53 -1.13
HAG 5AO E . -2.92 -8.07 -2.68
NAA 5AO F . 2.21 11.69 -17.97
CAB 5AO F . 0.23 12.33 -14.93
CAC 5AO F . 0.57 11.92 -16.20
CAD 5AO F . 1.13 13.05 -14.17
CAE 5AO F . 5.20 15.14 -13.44
CAF 5AO F . 3.37 14.57 -12.59
CAG 5AO F . 2.72 12.97 -15.98
NAH 5AO F . 4.56 15.22 -12.32
OAI 5AO F . 4.54 14.48 -14.43
CAJ 5AO F . 1.83 12.21 -16.74
CAK 5AO F . 2.38 13.39 -14.69
CAL 5AO F . 3.34 14.13 -13.87
HNAA 5AO F . 1.60 11.09 -18.51
HNAB 5AO F . 3.12 11.90 -18.37
HAB 5AO F . -0.75 12.07 -14.53
HAC 5AO F . -0.16 11.35 -16.80
HAD 5AO F . 0.84 13.35 -13.17
HAE 5AO F . 6.19 15.51 -13.70
HAF 5AO F . 2.61 14.48 -11.83
HAG 5AO F . 3.69 13.25 -16.39
S DMS G . -4.58 6.16 25.24
O DMS G . -3.61 6.53 24.15
C1 DMS G . -3.68 5.36 26.60
C2 DMS G . -5.15 7.67 26.05
H11 DMS G . -3.27 4.45 26.26
H12 DMS G . -4.34 5.18 27.40
H13 DMS G . -2.90 6.00 26.92
H21 DMS G . -5.71 8.26 25.37
H22 DMS G . -5.77 7.41 26.88
H23 DMS G . -4.32 8.22 26.40
#